data_6BXH
#
_entry.id   6BXH
#
_cell.length_a   48.034
_cell.length_b   78.118
_cell.length_c   121.326
_cell.angle_alpha   90.000
_cell.angle_beta   90.000
_cell.angle_gamma   90.000
#
_symmetry.space_group_name_H-M   'P 21 21 21'
#
loop_
_entity.id
_entity.type
_entity.pdbx_description
1 polymer Menin
2 non-polymer 'DIMETHYL SULFOXIDE'
3 non-polymer 'SULFATE ION'
4 non-polymer 1-{2-[4-(fluoroacetyl)piperazin-1-yl]ethyl}-4-methyl-5-[(4-{[6-(2,2,2-trifluoroethyl)thieno[2,3-d]pyrimidin-4-yl]amino}piperidin-1-yl)methyl]-1H-indole-2-carbonitrile
5 water water
#
_entity_poly.entity_id   1
_entity_poly.type   'polypeptide(L)'
_entity_poly.pdbx_seq_one_letter_code
;GGSSSMGLKAAQKTLFPLRSIDDVVRLFAAELGREEPDLVLLSLVLGFVEHFLAVNRVIPTNVPELTFQPSPAPDPPGGL
TYFPVADLSIIAALYARFTAQIRGAVDLSLYPREGGVSSRELVKKVSDVIWNSLSRSYFKDRAHIQSLFSFITGTKLDSS
GVAFAVVGACQALGLRDVHLALSEDHAWVVFGPNGEQTAEVTWHGKGNEDRRGQTVNAGVAERSWLYLKGSYMRCDRKME
VAFMVCAINPSIDLHTDSLELLQLQQKLLWLLYDLGHLERYPMALGNLADLEELEPTPGRPDPLTLYHKGIASAKTYYRD
EHIYPYMYLAGYHCRNRNVREALQAWADTATVIQDYNYCREDEEIYKEFFEVANDVIPNLLKEAASLLEAGSQGSALQDP
ECFAHLLRFYDGICKWEEGSPTPVLHVGWATFLVQSLGRFEGQVRQKVRIVSVPAPAASPPPEGPVLTFQSEKMKGMKEL
LVATKINSSAIKLQLTAQSQVQMKKQKVS
;
_entity_poly.pdbx_strand_id   A
#
# COMPACT_ATOMS: atom_id res chain seq x y z
N GLY A 7 5.99 -30.69 -13.54
CA GLY A 7 5.64 -29.93 -14.72
C GLY A 7 6.85 -29.33 -15.44
N LEU A 8 6.60 -28.42 -16.38
CA LEU A 8 5.25 -28.02 -16.74
C LEU A 8 4.61 -29.02 -17.69
N LYS A 9 3.38 -29.45 -17.37
CA LYS A 9 2.63 -30.31 -18.27
C LYS A 9 2.36 -29.62 -19.61
N ALA A 10 2.51 -28.30 -19.66
CA ALA A 10 2.50 -27.47 -20.86
C ALA A 10 1.10 -27.14 -21.34
N ALA A 11 0.19 -26.78 -20.43
CA ALA A 11 -1.06 -26.17 -20.86
C ALA A 11 -0.81 -24.93 -21.71
N GLN A 12 0.36 -24.31 -21.54
CA GLN A 12 0.76 -23.11 -22.28
C GLN A 12 2.20 -23.28 -22.73
N LYS A 13 2.42 -23.49 -24.03
CA LYS A 13 3.79 -23.53 -24.54
C LYS A 13 3.90 -23.20 -26.02
N THR A 14 3.06 -22.30 -26.53
CA THR A 14 3.45 -21.54 -27.70
C THR A 14 4.33 -20.40 -27.20
N LEU A 15 3.79 -19.19 -27.18
CA LEU A 15 4.19 -18.12 -26.27
C LEU A 15 5.69 -17.78 -26.22
N PHE A 16 6.55 -18.78 -26.36
CA PHE A 16 7.97 -18.61 -26.10
C PHE A 16 8.77 -18.73 -27.39
N PRO A 17 9.86 -17.94 -27.53
CA PRO A 17 10.34 -17.02 -26.51
C PRO A 17 9.59 -15.69 -26.53
N LEU A 18 9.85 -14.86 -25.52
CA LEU A 18 9.21 -13.56 -25.37
C LEU A 18 10.24 -12.49 -25.70
N ARG A 19 9.93 -11.64 -26.68
CA ARG A 19 10.83 -10.58 -27.11
C ARG A 19 10.17 -9.20 -27.15
N SER A 20 8.98 -9.06 -26.57
CA SER A 20 8.30 -7.77 -26.56
C SER A 20 7.45 -7.66 -25.31
N ILE A 21 7.00 -6.43 -25.03
CA ILE A 21 6.04 -6.22 -23.93
C ILE A 21 4.77 -7.04 -24.19
N ASP A 22 4.32 -7.10 -25.43
CA ASP A 22 3.04 -7.76 -25.73
C ASP A 22 3.15 -9.28 -25.60
N ASP A 23 4.34 -9.85 -25.77
CA ASP A 23 4.50 -11.28 -25.53
C ASP A 23 4.30 -11.62 -24.06
N VAL A 24 4.74 -10.74 -23.17
CA VAL A 24 4.52 -10.98 -21.74
C VAL A 24 3.02 -10.91 -21.42
N VAL A 25 2.30 -10.01 -22.09
CA VAL A 25 0.88 -9.83 -21.80
C VAL A 25 0.10 -11.08 -22.20
N ARG A 26 0.36 -11.60 -23.41
CA ARG A 26 -0.36 -12.78 -23.87
C ARG A 26 -0.04 -14.00 -23.01
N LEU A 27 1.18 -14.09 -22.48
CA LEU A 27 1.49 -15.16 -21.54
C LEU A 27 0.60 -15.06 -20.30
N PHE A 28 0.46 -13.84 -19.76
CA PHE A 28 -0.39 -13.65 -18.61
C PHE A 28 -1.86 -13.88 -18.95
N ALA A 29 -2.27 -13.46 -20.15
CA ALA A 29 -3.66 -13.68 -20.57
C ALA A 29 -3.97 -15.16 -20.71
N ALA A 30 -2.98 -15.98 -21.10
CA ALA A 30 -3.19 -17.41 -21.18
C ALA A 30 -3.26 -18.05 -19.80
N GLU A 31 -2.39 -17.60 -18.88
CA GLU A 31 -2.38 -18.17 -17.54
C GLU A 31 -3.63 -17.77 -16.75
N LEU A 32 -4.10 -16.54 -16.94
CA LEU A 32 -5.28 -16.07 -16.22
C LEU A 32 -6.57 -16.69 -16.72
N GLY A 33 -6.50 -17.61 -17.68
CA GLY A 33 -7.68 -18.33 -18.15
C GLY A 33 -7.74 -19.74 -17.59
N ARG A 34 -6.59 -20.24 -17.15
CA ARG A 34 -6.54 -21.47 -16.39
C ARG A 34 -6.99 -21.20 -14.96
N GLU A 35 -7.70 -22.17 -14.38
CA GLU A 35 -8.25 -21.96 -13.04
C GLU A 35 -7.14 -21.82 -12.00
N GLU A 36 -5.93 -22.30 -12.28
CA GLU A 36 -4.75 -22.05 -11.46
C GLU A 36 -3.68 -21.41 -12.32
N PRO A 37 -3.65 -20.08 -12.41
CA PRO A 37 -2.55 -19.42 -13.12
C PRO A 37 -1.22 -19.70 -12.44
N ASP A 38 -0.24 -20.10 -13.24
CA ASP A 38 1.05 -20.54 -12.72
C ASP A 38 1.79 -19.35 -12.11
N LEU A 39 1.71 -19.22 -10.78
CA LEU A 39 2.34 -18.10 -10.10
C LEU A 39 3.87 -18.16 -10.22
N VAL A 40 4.45 -19.35 -10.09
CA VAL A 40 5.90 -19.48 -10.14
C VAL A 40 6.41 -19.11 -11.53
N LEU A 41 5.72 -19.55 -12.59
CA LEU A 41 6.14 -19.23 -13.94
C LEU A 41 6.06 -17.74 -14.21
N LEU A 42 4.93 -17.11 -13.83
CA LEU A 42 4.74 -15.70 -14.14
C LEU A 42 5.69 -14.81 -13.36
N SER A 43 5.94 -15.13 -12.09
CA SER A 43 6.88 -14.33 -11.31
C SER A 43 8.30 -14.47 -11.84
N LEU A 44 8.66 -15.67 -12.30
CA LEU A 44 10.00 -15.88 -12.87
C LEU A 44 10.20 -15.06 -14.14
N VAL A 45 9.16 -14.98 -14.99
CA VAL A 45 9.25 -14.18 -16.20
C VAL A 45 9.40 -12.72 -15.86
N LEU A 46 8.56 -12.22 -14.94
CA LEU A 46 8.61 -10.82 -14.55
C LEU A 46 9.99 -10.46 -14.02
N GLY A 47 10.51 -11.25 -13.09
CA GLY A 47 11.83 -10.97 -12.53
C GLY A 47 12.92 -11.00 -13.58
N PHE A 48 12.83 -11.95 -14.51
CA PHE A 48 13.81 -12.02 -15.60
C PHE A 48 13.77 -10.75 -16.44
N VAL A 49 12.58 -10.36 -16.90
CA VAL A 49 12.44 -9.15 -17.71
C VAL A 49 12.90 -7.93 -16.92
N GLU A 50 12.50 -7.85 -15.65
CA GLU A 50 12.89 -6.71 -14.83
C GLU A 50 14.39 -6.69 -14.59
N HIS A 51 15.01 -7.87 -14.45
CA HIS A 51 16.44 -7.93 -14.17
C HIS A 51 17.25 -7.32 -15.31
N PHE A 52 16.86 -7.59 -16.56
CA PHE A 52 17.61 -7.09 -17.70
C PHE A 52 17.13 -5.73 -18.19
N LEU A 53 16.07 -5.17 -17.58
CA LEU A 53 15.64 -3.82 -17.89
C LEU A 53 15.91 -2.82 -16.78
N ALA A 54 16.14 -3.29 -15.55
CA ALA A 54 16.38 -2.39 -14.42
C ALA A 54 17.68 -2.67 -13.69
N VAL A 55 18.05 -3.94 -13.51
CA VAL A 55 19.24 -4.28 -12.73
C VAL A 55 20.49 -4.12 -13.59
N ASN A 56 20.63 -4.99 -14.59
CA ASN A 56 21.73 -4.89 -15.56
C ASN A 56 21.15 -4.58 -16.93
N ARG A 57 21.71 -3.55 -17.58
CA ARG A 57 21.17 -3.05 -18.84
C ARG A 57 22.12 -3.20 -20.03
N VAL A 58 23.40 -3.42 -19.80
CA VAL A 58 24.37 -3.48 -20.89
C VAL A 58 24.45 -4.88 -21.48
N GLY A 79 22.93 -6.57 -19.35
CA GLY A 79 21.59 -6.58 -19.90
C GLY A 79 21.54 -6.51 -21.41
N LEU A 80 20.63 -5.69 -21.94
CA LEU A 80 20.49 -5.53 -23.37
C LEU A 80 19.71 -4.25 -23.63
N THR A 81 19.79 -3.79 -24.88
CA THR A 81 19.23 -2.52 -25.33
C THR A 81 17.71 -2.50 -25.38
N TYR A 82 17.13 -3.27 -26.29
CA TYR A 82 15.70 -3.19 -26.61
C TYR A 82 14.84 -3.89 -25.56
N PHE A 83 14.73 -5.22 -25.64
CA PHE A 83 13.88 -5.98 -24.74
C PHE A 83 14.53 -7.35 -24.53
N PRO A 84 14.62 -7.82 -23.29
CA PRO A 84 15.27 -9.12 -23.04
C PRO A 84 14.43 -10.26 -23.59
N VAL A 85 15.09 -11.16 -24.31
CA VAL A 85 14.42 -12.32 -24.89
C VAL A 85 14.46 -13.47 -23.88
N ALA A 86 13.28 -13.91 -23.46
CA ALA A 86 13.15 -14.96 -22.45
C ALA A 86 12.90 -16.29 -23.17
N ASP A 87 13.96 -17.08 -23.30
CA ASP A 87 13.83 -18.42 -23.87
C ASP A 87 13.11 -19.32 -22.86
N LEU A 88 12.30 -20.24 -23.38
CA LEU A 88 11.66 -21.23 -22.51
C LEU A 88 12.71 -22.10 -21.84
N SER A 89 13.79 -22.44 -22.55
CA SER A 89 14.86 -23.23 -21.97
C SER A 89 15.40 -22.57 -20.71
N ILE A 90 15.52 -21.24 -20.72
CA ILE A 90 16.01 -20.52 -19.55
C ILE A 90 15.00 -20.59 -18.41
N ILE A 91 13.77 -20.16 -18.67
CA ILE A 91 12.76 -20.06 -17.63
C ILE A 91 12.46 -21.43 -17.03
N ALA A 92 12.32 -22.45 -17.88
CA ALA A 92 12.06 -23.80 -17.38
C ALA A 92 13.20 -24.30 -16.51
N ALA A 93 14.44 -23.91 -16.83
CA ALA A 93 15.57 -24.31 -16.00
C ALA A 93 15.49 -23.68 -14.62
N LEU A 94 15.09 -22.42 -14.53
CA LEU A 94 14.89 -21.80 -13.22
C LEU A 94 13.63 -22.32 -12.55
N TYR A 95 12.60 -22.61 -13.34
CA TYR A 95 11.36 -23.16 -12.81
C TYR A 95 11.61 -24.50 -12.14
N ALA A 96 12.35 -25.38 -12.81
CA ALA A 96 12.57 -26.73 -12.28
C ALA A 96 13.45 -26.72 -11.04
N ARG A 97 14.38 -25.77 -10.94
CA ARG A 97 15.22 -25.70 -9.75
C ARG A 97 14.45 -25.23 -8.53
N PHE A 98 13.45 -24.36 -8.73
CA PHE A 98 12.61 -23.92 -7.62
C PHE A 98 11.72 -25.06 -7.12
N THR A 99 11.05 -25.75 -8.05
CA THR A 99 10.16 -26.84 -7.65
C THR A 99 10.94 -28.00 -7.05
N ALA A 100 12.08 -28.36 -7.65
CA ALA A 100 12.90 -29.43 -7.10
C ALA A 100 13.37 -29.10 -5.70
N GLN A 101 13.71 -27.84 -5.44
CA GLN A 101 14.05 -27.45 -4.07
C GLN A 101 12.85 -27.67 -3.16
N ILE A 102 11.74 -26.96 -3.42
CA ILE A 102 10.58 -27.04 -2.53
C ILE A 102 10.18 -28.51 -2.32
N ARG A 103 10.01 -29.25 -3.40
CA ARG A 103 9.58 -30.64 -3.29
C ARG A 103 10.64 -31.53 -2.63
N GLY A 104 11.89 -31.08 -2.54
CA GLY A 104 12.92 -31.89 -1.93
C GLY A 104 13.04 -31.72 -0.43
N ALA A 105 12.43 -30.66 0.12
CA ALA A 105 12.67 -30.28 1.50
C ALA A 105 11.47 -30.45 2.42
N VAL A 106 10.25 -30.66 1.90
CA VAL A 106 9.06 -30.72 2.73
C VAL A 106 8.36 -32.06 2.53
N ASP A 107 7.84 -32.59 3.64
CA ASP A 107 7.26 -33.95 3.73
C ASP A 107 5.75 -33.86 3.46
N LEU A 108 5.38 -33.77 2.16
CA LEU A 108 3.98 -33.48 1.85
C LEU A 108 3.04 -34.56 2.36
N SER A 109 3.41 -35.84 2.20
CA SER A 109 2.51 -36.89 2.67
C SER A 109 2.44 -36.92 4.19
N LEU A 110 3.56 -36.64 4.86
CA LEU A 110 3.57 -36.61 6.32
C LEU A 110 2.77 -35.42 6.85
N TYR A 111 2.81 -34.29 6.14
CA TYR A 111 1.88 -33.18 6.38
C TYR A 111 0.66 -33.41 5.50
N PRO A 112 -0.28 -34.26 5.92
CA PRO A 112 -1.19 -34.88 4.95
C PRO A 112 -2.29 -33.98 4.41
N ARG A 113 -3.44 -34.58 4.10
CA ARG A 113 -4.57 -33.83 3.59
C ARG A 113 -5.76 -33.96 4.53
N GLU A 114 -5.52 -33.71 5.82
CA GLU A 114 -6.56 -33.80 6.85
C GLU A 114 -7.76 -32.96 6.47
N GLY A 115 -8.58 -33.46 5.55
CA GLY A 115 -9.72 -32.73 5.03
C GLY A 115 -9.50 -32.07 3.69
N GLY A 116 -8.32 -32.25 3.08
CA GLY A 116 -8.01 -31.59 1.83
C GLY A 116 -7.43 -30.20 1.97
N VAL A 117 -7.30 -29.69 3.19
CA VAL A 117 -6.75 -28.36 3.43
C VAL A 117 -5.46 -28.50 4.21
N SER A 118 -4.66 -27.44 4.19
CA SER A 118 -3.33 -27.47 4.78
C SER A 118 -3.40 -27.30 6.29
N SER A 119 -2.29 -27.63 6.95
CA SER A 119 -2.13 -27.46 8.38
C SER A 119 -1.14 -26.33 8.66
N ARG A 120 -1.09 -25.95 9.94
CA ARG A 120 -0.13 -24.92 10.36
C ARG A 120 1.30 -25.44 10.28
N GLU A 121 1.50 -26.73 10.59
CA GLU A 121 2.83 -27.31 10.50
C GLU A 121 3.35 -27.33 9.07
N LEU A 122 2.48 -27.54 8.09
CA LEU A 122 2.91 -27.58 6.71
C LEU A 122 3.21 -26.19 6.18
N VAL A 123 2.38 -25.21 6.53
CA VAL A 123 2.65 -23.83 6.10
C VAL A 123 3.92 -23.32 6.76
N LYS A 124 4.12 -23.64 8.03
CA LYS A 124 5.34 -23.22 8.72
C LYS A 124 6.58 -23.91 8.13
N LYS A 125 6.45 -25.17 7.76
CA LYS A 125 7.58 -25.89 7.15
C LYS A 125 7.96 -25.27 5.81
N VAL A 126 6.96 -24.97 4.97
CA VAL A 126 7.24 -24.33 3.69
C VAL A 126 7.86 -22.96 3.92
N SER A 127 7.28 -22.17 4.83
CA SER A 127 7.89 -20.91 5.25
C SER A 127 9.33 -21.13 5.69
N ASP A 128 9.56 -22.16 6.51
CA ASP A 128 10.91 -22.46 6.98
C ASP A 128 11.86 -22.72 5.81
N VAL A 129 11.35 -23.36 4.76
CA VAL A 129 12.22 -23.72 3.63
C VAL A 129 12.68 -22.46 2.89
N ILE A 130 11.76 -21.54 2.61
CA ILE A 130 12.13 -20.27 1.98
C ILE A 130 13.08 -19.50 2.88
N TRP A 131 12.76 -19.43 4.17
CA TRP A 131 13.55 -18.62 5.10
C TRP A 131 14.99 -19.11 5.18
N ASN A 132 15.20 -20.42 5.27
CA ASN A 132 16.54 -20.97 5.43
C ASN A 132 17.31 -21.05 4.12
N SER A 133 16.72 -20.62 2.99
CA SER A 133 17.44 -20.60 1.73
C SER A 133 18.04 -19.24 1.42
N LEU A 134 17.52 -18.17 2.02
CA LEU A 134 18.00 -16.83 1.72
C LEU A 134 19.41 -16.63 2.24
N SER A 135 20.13 -15.72 1.58
CA SER A 135 21.47 -15.36 2.04
C SER A 135 21.39 -14.72 3.42
N ARG A 136 22.36 -15.06 4.27
CA ARG A 136 22.37 -14.58 5.64
C ARG A 136 22.55 -13.08 5.72
N SER A 137 23.18 -12.47 4.72
CA SER A 137 23.49 -11.05 4.76
C SER A 137 23.13 -10.39 3.44
N TYR A 138 22.19 -9.46 3.48
CA TYR A 138 21.89 -8.57 2.38
C TYR A 138 20.99 -7.45 2.90
N PHE A 139 20.57 -6.57 2.00
CA PHE A 139 19.70 -5.46 2.36
C PHE A 139 18.25 -5.91 2.19
N LYS A 140 17.53 -6.02 3.31
CA LYS A 140 16.13 -6.43 3.28
C LYS A 140 15.22 -5.41 2.62
N ASP A 141 15.77 -4.32 2.09
CA ASP A 141 14.98 -3.27 1.47
C ASP A 141 15.51 -2.84 0.10
N ARG A 142 16.45 -3.61 -0.48
CA ARG A 142 16.91 -3.32 -1.82
C ARG A 142 15.77 -3.40 -2.81
N ALA A 143 15.97 -2.78 -3.97
CA ALA A 143 15.01 -2.91 -5.05
C ALA A 143 15.28 -4.19 -5.83
N HIS A 144 14.24 -4.66 -6.54
CA HIS A 144 14.33 -5.77 -7.48
C HIS A 144 14.70 -7.09 -6.80
N ILE A 145 14.32 -7.27 -5.53
CA ILE A 145 14.47 -8.56 -4.87
C ILE A 145 13.11 -9.04 -4.39
N GLN A 146 12.10 -8.96 -5.26
CA GLN A 146 10.74 -9.30 -4.88
C GLN A 146 10.20 -10.54 -5.56
N SER A 147 10.80 -10.98 -6.67
CA SER A 147 10.26 -12.05 -7.47
C SER A 147 10.97 -13.37 -7.16
N LEU A 148 10.37 -14.46 -7.66
CA LEU A 148 11.00 -15.77 -7.56
C LEU A 148 12.27 -15.87 -8.41
N PHE A 149 12.42 -14.99 -9.41
CA PHE A 149 13.70 -14.91 -10.11
C PHE A 149 14.81 -14.48 -9.16
N SER A 150 14.52 -13.49 -8.29
CA SER A 150 15.51 -13.07 -7.30
C SER A 150 15.80 -14.19 -6.31
N PHE A 151 14.77 -14.90 -5.86
CA PHE A 151 14.96 -15.98 -4.90
C PHE A 151 15.78 -17.11 -5.50
N ILE A 152 15.53 -17.46 -6.77
CA ILE A 152 16.17 -18.64 -7.33
C ILE A 152 17.59 -18.34 -7.78
N THR A 153 17.90 -17.10 -8.15
CA THR A 153 19.25 -16.77 -8.62
C THR A 153 20.12 -16.16 -7.54
N GLY A 154 19.57 -15.30 -6.68
CA GLY A 154 20.37 -14.64 -5.68
C GLY A 154 20.02 -15.00 -4.25
N THR A 155 19.00 -15.84 -4.08
CA THR A 155 18.50 -16.24 -2.76
C THR A 155 18.26 -15.03 -1.87
N LYS A 156 17.56 -14.05 -2.42
CA LYS A 156 17.24 -12.82 -1.70
C LYS A 156 15.82 -12.42 -2.00
N LEU A 157 15.08 -12.06 -0.95
CA LEU A 157 13.70 -11.59 -1.07
C LEU A 157 13.46 -10.51 -0.03
N ASP A 158 12.59 -9.56 -0.37
CA ASP A 158 12.11 -8.63 0.64
C ASP A 158 11.03 -9.30 1.48
N SER A 159 10.45 -8.56 2.43
CA SER A 159 9.52 -9.16 3.37
C SER A 159 8.30 -9.74 2.66
N SER A 160 7.61 -8.94 1.85
CA SER A 160 6.42 -9.44 1.17
C SER A 160 6.77 -10.45 0.09
N GLY A 161 7.99 -10.43 -0.45
CA GLY A 161 8.37 -11.44 -1.41
C GLY A 161 8.48 -12.81 -0.79
N VAL A 162 8.93 -12.88 0.47
CA VAL A 162 8.99 -14.15 1.18
C VAL A 162 7.61 -14.76 1.29
N ALA A 163 6.61 -13.94 1.63
CA ALA A 163 5.25 -14.43 1.76
C ALA A 163 4.72 -14.95 0.43
N PHE A 164 4.94 -14.19 -0.65
CA PHE A 164 4.51 -14.62 -1.96
C PHE A 164 5.25 -15.89 -2.38
N ALA A 165 6.53 -15.99 -2.05
CA ALA A 165 7.27 -17.21 -2.35
C ALA A 165 6.70 -18.41 -1.63
N VAL A 166 6.14 -18.20 -0.44
CA VAL A 166 5.47 -19.29 0.28
C VAL A 166 4.22 -19.73 -0.48
N VAL A 167 3.41 -18.76 -0.92
CA VAL A 167 2.19 -19.09 -1.65
C VAL A 167 2.53 -19.84 -2.93
N GLY A 168 3.49 -19.33 -3.70
CA GLY A 168 3.88 -19.99 -4.93
C GLY A 168 4.49 -21.36 -4.69
N ALA A 169 5.23 -21.51 -3.60
CA ALA A 169 5.76 -22.82 -3.24
C ALA A 169 4.63 -23.80 -2.91
N CYS A 170 3.59 -23.32 -2.22
CA CYS A 170 2.47 -24.19 -1.88
C CYS A 170 1.65 -24.55 -3.12
N GLN A 171 1.46 -23.60 -4.04
CA GLN A 171 0.83 -23.94 -5.30
C GLN A 171 1.66 -24.95 -6.07
N ALA A 172 2.99 -24.86 -5.97
CA ALA A 172 3.85 -25.86 -6.60
C ALA A 172 3.66 -27.23 -5.97
N LEU A 173 3.43 -27.28 -4.66
CA LEU A 173 3.18 -28.55 -3.99
C LEU A 173 1.78 -29.08 -4.25
N GLY A 174 0.87 -28.25 -4.75
CA GLY A 174 -0.49 -28.66 -5.01
C GLY A 174 -1.52 -28.23 -3.99
N LEU A 175 -1.14 -27.36 -3.05
CA LEU A 175 -2.03 -26.94 -1.97
C LEU A 175 -2.84 -25.74 -2.44
N ARG A 176 -4.03 -26.02 -2.97
CA ARG A 176 -4.90 -24.99 -3.54
C ARG A 176 -5.61 -24.15 -2.49
N ASP A 177 -5.37 -24.40 -1.20
CA ASP A 177 -6.02 -23.66 -0.13
C ASP A 177 -5.10 -22.62 0.52
N VAL A 178 -3.82 -22.61 0.19
CA VAL A 178 -2.88 -21.63 0.72
C VAL A 178 -2.95 -20.39 -0.16
N HIS A 179 -3.22 -19.24 0.44
CA HIS A 179 -3.38 -18.01 -0.31
C HIS A 179 -2.67 -16.86 0.39
N LEU A 180 -2.46 -15.79 -0.38
CA LEU A 180 -1.75 -14.61 0.09
C LEU A 180 -2.73 -13.65 0.76
N ALA A 181 -2.37 -13.20 1.96
CA ALA A 181 -3.09 -12.15 2.66
C ALA A 181 -2.24 -10.89 2.66
N LEU A 182 -2.87 -9.75 2.37
CA LEU A 182 -2.16 -8.49 2.25
C LEU A 182 -2.87 -7.41 3.03
N SER A 183 -2.09 -6.61 3.76
CA SER A 183 -2.55 -5.34 4.28
C SER A 183 -1.89 -4.25 3.45
N GLU A 184 -1.83 -3.04 3.99
CA GLU A 184 -1.21 -1.94 3.28
C GLU A 184 0.28 -1.81 3.58
N ASP A 185 0.85 -2.72 4.35
CA ASP A 185 2.27 -2.66 4.68
C ASP A 185 2.82 -4.01 5.17
N HIS A 186 1.99 -5.06 5.14
CA HIS A 186 2.42 -6.37 5.61
C HIS A 186 1.76 -7.44 4.76
N ALA A 187 2.27 -8.67 4.89
CA ALA A 187 1.75 -9.80 4.12
C ALA A 187 1.92 -11.08 4.93
N TRP A 188 0.97 -11.98 4.78
CA TRP A 188 1.06 -13.30 5.40
C TRP A 188 0.22 -14.26 4.55
N VAL A 189 -0.23 -15.36 5.17
CA VAL A 189 -0.90 -16.44 4.46
C VAL A 189 -2.20 -16.78 5.16
N VAL A 190 -3.23 -17.08 4.38
CA VAL A 190 -4.47 -17.66 4.88
C VAL A 190 -4.61 -19.06 4.31
N PHE A 191 -5.21 -19.95 5.11
CA PHE A 191 -5.30 -21.36 4.74
C PHE A 191 -6.34 -22.09 5.59
N GLY A 192 -6.28 -23.43 5.57
CA GLY A 192 -7.07 -24.25 6.46
C GLY A 192 -8.53 -24.31 6.06
N PRO A 193 -9.41 -24.56 7.05
CA PRO A 193 -10.85 -24.54 6.78
C PRO A 193 -11.28 -23.22 6.13
N ASN A 194 -11.80 -23.31 4.90
CA ASN A 194 -12.09 -22.16 4.05
C ASN A 194 -12.78 -21.02 4.80
N GLY A 195 -12.06 -19.92 5.03
CA GLY A 195 -10.64 -19.80 4.75
C GLY A 195 -10.04 -19.04 5.90
N GLU A 196 -10.41 -19.46 7.11
CA GLU A 196 -10.24 -18.63 8.29
C GLU A 196 -8.78 -18.53 8.72
N GLN A 197 -8.05 -19.64 8.69
CA GLN A 197 -6.78 -19.74 9.39
C GLN A 197 -5.74 -18.80 8.79
N THR A 198 -5.05 -18.05 9.66
CA THR A 198 -3.97 -17.16 9.28
C THR A 198 -2.67 -17.62 9.93
N ALA A 199 -1.56 -17.27 9.29
CA ALA A 199 -0.24 -17.62 9.81
C ALA A 199 0.79 -16.61 9.32
N GLU A 200 1.64 -16.15 10.23
CA GLU A 200 2.76 -15.31 9.84
C GLU A 200 3.82 -16.16 9.14
N VAL A 201 4.36 -15.64 8.04
CA VAL A 201 5.33 -16.40 7.26
C VAL A 201 6.56 -15.56 6.94
N THR A 202 6.51 -14.27 7.25
CA THR A 202 7.63 -13.38 6.96
C THR A 202 7.79 -12.39 8.12
N TRP A 203 8.84 -11.59 8.03
CA TRP A 203 9.12 -10.54 9.00
C TRP A 203 8.43 -9.25 8.60
N HIS A 204 8.38 -8.31 9.55
CA HIS A 204 7.95 -6.95 9.25
C HIS A 204 8.80 -5.97 10.04
N GLY A 205 9.26 -4.92 9.37
CA GLY A 205 10.08 -3.92 10.01
C GLY A 205 11.43 -4.45 10.43
N LYS A 206 12.22 -3.57 11.03
CA LYS A 206 13.57 -3.88 11.45
C LYS A 206 13.59 -4.17 12.95
N GLY A 207 13.90 -5.41 13.31
CA GLY A 207 14.09 -5.76 14.70
C GLY A 207 12.83 -5.85 15.53
N ASN A 208 11.71 -6.21 14.92
CA ASN A 208 10.48 -6.49 15.65
C ASN A 208 10.29 -8.00 15.62
N GLU A 209 10.29 -8.61 16.82
CA GLU A 209 10.44 -10.06 16.94
C GLU A 209 9.45 -10.80 16.07
N ASP A 210 9.89 -11.94 15.55
CA ASP A 210 9.16 -12.66 14.51
C ASP A 210 8.32 -13.77 15.14
N ARG A 211 7.03 -13.76 14.84
CA ARG A 211 6.10 -14.75 15.37
C ARG A 211 5.60 -15.67 14.26
N ARG A 212 6.53 -16.22 13.48
CA ARG A 212 6.15 -17.01 12.32
C ARG A 212 5.38 -18.26 12.74
N GLY A 213 4.31 -18.55 12.00
CA GLY A 213 3.40 -19.60 12.34
C GLY A 213 2.21 -19.15 13.17
N GLN A 214 2.31 -18.04 13.87
CA GLN A 214 1.23 -17.57 14.73
C GLN A 214 0.15 -16.86 13.91
N THR A 215 -1.03 -16.80 14.50
CA THR A 215 -2.13 -16.05 13.90
C THR A 215 -1.83 -14.56 13.92
N VAL A 216 -2.58 -13.82 13.11
CA VAL A 216 -2.51 -12.36 13.11
C VAL A 216 -3.57 -11.74 14.01
N ASN A 217 -4.30 -12.57 14.77
CA ASN A 217 -5.46 -12.08 15.51
C ASN A 217 -5.09 -11.16 16.67
N ALA A 218 -3.85 -11.22 17.14
CA ALA A 218 -3.40 -10.24 18.14
C ALA A 218 -3.24 -8.86 17.52
N GLY A 219 -2.77 -8.80 16.27
CA GLY A 219 -2.69 -7.53 15.59
C GLY A 219 -4.04 -6.99 15.16
N VAL A 220 -4.99 -7.89 14.90
CA VAL A 220 -6.36 -7.45 14.61
C VAL A 220 -7.03 -6.94 15.87
N ALA A 221 -6.81 -7.62 17.00
CA ALA A 221 -7.46 -7.24 18.25
C ALA A 221 -6.96 -5.89 18.74
N GLU A 222 -5.67 -5.60 18.55
CA GLU A 222 -5.10 -4.34 19.00
C GLU A 222 -5.45 -3.17 18.08
N ARG A 223 -6.16 -3.43 16.98
CA ARG A 223 -6.65 -2.39 16.08
C ARG A 223 -5.50 -1.56 15.51
N SER A 224 -4.42 -2.23 15.13
CA SER A 224 -3.31 -1.57 14.46
C SER A 224 -3.56 -1.53 12.96
N TRP A 225 -3.13 -0.44 12.32
CA TRP A 225 -3.33 -0.28 10.88
C TRP A 225 -2.66 -1.39 10.09
N LEU A 226 -1.60 -1.99 10.63
CA LEU A 226 -0.88 -3.04 9.92
C LEU A 226 -1.75 -4.26 9.64
N TYR A 227 -2.84 -4.44 10.39
CA TYR A 227 -3.74 -5.56 10.16
C TYR A 227 -5.16 -5.12 9.83
N LEU A 228 -5.37 -3.82 9.59
CA LEU A 228 -6.60 -3.28 9.02
C LEU A 228 -7.85 -3.78 9.75
N LYS A 229 -7.72 -4.05 11.05
CA LYS A 229 -8.84 -4.44 11.89
C LYS A 229 -9.58 -5.66 11.34
N GLY A 230 -8.86 -6.54 10.65
CA GLY A 230 -9.46 -7.69 10.02
C GLY A 230 -9.92 -7.49 8.60
N SER A 231 -9.99 -6.25 8.12
CA SER A 231 -10.41 -5.95 6.75
C SER A 231 -9.25 -5.98 5.78
N TYR A 232 -8.34 -6.92 5.95
CA TYR A 232 -7.22 -7.12 5.06
C TYR A 232 -7.69 -7.85 3.79
N MET A 233 -6.84 -7.83 2.77
CA MET A 233 -7.15 -8.50 1.52
C MET A 233 -6.81 -9.99 1.61
N ARG A 234 -7.76 -10.84 1.23
CA ARG A 234 -7.55 -12.27 1.08
C ARG A 234 -7.61 -12.59 -0.41
N CYS A 235 -6.46 -12.90 -0.99
CA CYS A 235 -6.36 -13.03 -2.44
C CYS A 235 -6.71 -14.43 -2.91
N ASP A 236 -7.47 -14.49 -4.00
CA ASP A 236 -7.50 -15.69 -4.81
C ASP A 236 -6.27 -15.69 -5.71
N ARG A 237 -6.16 -16.70 -6.59
CA ARG A 237 -4.97 -16.80 -7.43
C ARG A 237 -4.86 -15.63 -8.40
N LYS A 238 -6.00 -15.07 -8.82
CA LYS A 238 -5.96 -13.94 -9.74
C LYS A 238 -5.40 -12.69 -9.06
N MET A 239 -5.88 -12.40 -7.84
CA MET A 239 -5.35 -11.25 -7.10
C MET A 239 -3.89 -11.43 -6.77
N GLU A 240 -3.44 -12.67 -6.57
CA GLU A 240 -2.02 -12.92 -6.36
C GLU A 240 -1.21 -12.60 -7.62
N VAL A 241 -1.79 -12.85 -8.79
CA VAL A 241 -1.15 -12.41 -10.03
C VAL A 241 -1.10 -10.89 -10.07
N ALA A 242 -2.16 -10.23 -9.62
CA ALA A 242 -2.18 -8.77 -9.60
C ALA A 242 -1.09 -8.21 -8.68
N PHE A 243 -0.82 -8.92 -7.57
CA PHE A 243 0.18 -8.43 -6.62
C PHE A 243 1.57 -8.40 -7.23
N MET A 244 1.95 -9.49 -7.91
CA MET A 244 3.28 -9.53 -8.52
C MET A 244 3.41 -8.50 -9.64
N VAL A 245 2.29 -8.12 -10.27
CA VAL A 245 2.34 -7.04 -11.24
C VAL A 245 2.61 -5.71 -10.56
N CYS A 246 1.86 -5.43 -9.47
CA CYS A 246 2.14 -4.24 -8.68
C CYS A 246 3.55 -4.26 -8.11
N ALA A 247 4.09 -5.45 -7.85
CA ALA A 247 5.42 -5.57 -7.27
C ALA A 247 6.54 -5.31 -8.27
N ILE A 248 6.21 -5.13 -9.55
CA ILE A 248 7.21 -4.69 -10.52
C ILE A 248 7.76 -3.34 -10.08
N ASN A 249 9.09 -3.23 -10.02
CA ASN A 249 9.70 -1.95 -9.71
C ASN A 249 10.46 -1.48 -10.95
N PRO A 250 10.01 -0.42 -11.62
CA PRO A 250 10.67 0.03 -12.85
C PRO A 250 11.86 0.94 -12.63
N SER A 251 12.21 1.25 -11.40
CA SER A 251 13.31 2.19 -11.14
CA SER A 251 13.31 2.19 -11.14
C SER A 251 14.66 1.53 -11.42
N ILE A 252 15.44 2.16 -12.30
CA ILE A 252 16.78 1.68 -12.60
C ILE A 252 17.82 2.30 -11.67
N ASP A 253 17.64 3.59 -11.34
CA ASP A 253 18.40 4.21 -10.27
C ASP A 253 17.52 5.24 -9.56
N LEU A 254 18.13 6.32 -9.07
CA LEU A 254 17.41 7.30 -8.26
C LEU A 254 16.73 8.40 -9.07
N HIS A 255 17.06 8.53 -10.36
CA HIS A 255 16.48 9.59 -11.19
C HIS A 255 15.73 9.10 -12.40
N THR A 256 15.87 7.83 -12.79
CA THR A 256 15.33 7.35 -14.05
C THR A 256 14.61 6.02 -13.86
N ASP A 257 13.46 5.89 -14.50
CA ASP A 257 12.68 4.67 -14.55
C ASP A 257 12.81 4.02 -15.91
N SER A 258 12.58 2.71 -15.96
CA SER A 258 12.53 1.99 -17.22
C SER A 258 11.16 2.20 -17.83
N LEU A 259 11.09 2.97 -18.92
CA LEU A 259 9.82 3.18 -19.61
C LEU A 259 9.21 1.86 -20.05
N GLU A 260 10.06 0.94 -20.52
CA GLU A 260 9.59 -0.38 -20.93
C GLU A 260 8.89 -1.10 -19.79
N LEU A 261 9.47 -1.05 -18.59
CA LEU A 261 8.84 -1.68 -17.44
C LEU A 261 7.57 -0.95 -17.01
N LEU A 262 7.54 0.37 -17.16
CA LEU A 262 6.32 1.12 -16.86
C LEU A 262 5.20 0.75 -17.81
N GLN A 263 5.53 0.53 -19.09
CA GLN A 263 4.52 0.13 -20.06
C GLN A 263 3.96 -1.25 -19.74
N LEU A 264 4.84 -2.18 -19.34
CA LEU A 264 4.39 -3.55 -19.10
C LEU A 264 3.49 -3.63 -17.87
N GLN A 265 3.85 -2.94 -16.80
CA GLN A 265 2.97 -2.89 -15.63
C GLN A 265 1.63 -2.26 -15.98
N GLN A 266 1.64 -1.24 -16.84
CA GLN A 266 0.40 -0.58 -17.23
C GLN A 266 -0.50 -1.51 -18.03
N LYS A 267 0.09 -2.22 -19.01
CA LYS A 267 -0.72 -3.12 -19.84
C LYS A 267 -1.19 -4.34 -19.04
N LEU A 268 -0.35 -4.85 -18.13
CA LEU A 268 -0.75 -6.00 -17.32
C LEU A 268 -1.88 -5.62 -16.36
N LEU A 269 -1.78 -4.43 -15.75
CA LEU A 269 -2.87 -3.98 -14.89
C LEU A 269 -4.15 -3.75 -15.68
N TRP A 270 -4.04 -3.19 -16.89
CA TRP A 270 -5.21 -3.02 -17.74
C TRP A 270 -5.77 -4.38 -18.18
N LEU A 271 -4.93 -5.41 -18.24
CA LEU A 271 -5.44 -6.74 -18.53
C LEU A 271 -6.21 -7.29 -17.35
N LEU A 272 -5.62 -7.24 -16.16
CA LEU A 272 -6.32 -7.64 -14.95
C LEU A 272 -7.59 -6.83 -14.76
N TYR A 273 -7.54 -5.54 -15.10
CA TYR A 273 -8.71 -4.68 -15.00
C TYR A 273 -9.86 -5.22 -15.82
N ASP A 274 -9.65 -5.40 -17.13
CA ASP A 274 -10.72 -5.83 -18.02
C ASP A 274 -11.26 -7.20 -17.64
N LEU A 275 -10.43 -8.04 -17.03
CA LEU A 275 -10.87 -9.37 -16.61
C LEU A 275 -11.62 -9.36 -15.29
N GLY A 276 -11.67 -8.22 -14.60
CA GLY A 276 -12.38 -8.14 -13.34
C GLY A 276 -11.58 -8.58 -12.13
N HIS A 277 -10.26 -8.58 -12.22
CA HIS A 277 -9.40 -9.09 -11.15
C HIS A 277 -8.78 -7.98 -10.30
N LEU A 278 -9.16 -6.72 -10.54
CA LEU A 278 -8.82 -5.62 -9.63
C LEU A 278 -10.03 -5.18 -8.83
N GLU A 279 -11.14 -5.93 -8.90
CA GLU A 279 -12.37 -5.56 -8.21
C GLU A 279 -12.14 -5.40 -6.71
N ARG A 280 -11.31 -6.26 -6.12
CA ARG A 280 -11.03 -6.23 -4.69
C ARG A 280 -9.59 -5.82 -4.40
N TYR A 281 -8.98 -5.04 -5.28
CA TYR A 281 -7.59 -4.61 -5.14
C TYR A 281 -7.53 -3.09 -5.25
N PRO A 282 -7.94 -2.37 -4.20
CA PRO A 282 -7.95 -0.90 -4.26
C PRO A 282 -6.62 -0.28 -4.64
N MET A 283 -5.52 -0.75 -4.05
CA MET A 283 -4.22 -0.15 -4.34
C MET A 283 -3.77 -0.42 -5.78
N ALA A 284 -4.22 -1.53 -6.38
CA ALA A 284 -3.88 -1.79 -7.77
C ALA A 284 -4.52 -0.76 -8.70
N LEU A 285 -5.75 -0.35 -8.39
CA LEU A 285 -6.39 0.69 -9.19
C LEU A 285 -5.70 2.04 -9.01
N GLY A 286 -5.16 2.30 -7.82
CA GLY A 286 -4.33 3.49 -7.65
C GLY A 286 -3.07 3.44 -8.48
N ASN A 287 -2.41 2.28 -8.51
CA ASN A 287 -1.19 2.13 -9.30
C ASN A 287 -1.46 2.37 -10.78
N LEU A 288 -2.54 1.81 -11.31
CA LEU A 288 -2.86 2.01 -12.72
C LEU A 288 -3.25 3.45 -12.99
N ALA A 289 -4.02 4.06 -12.08
CA ALA A 289 -4.36 5.47 -12.22
C ALA A 289 -3.11 6.34 -12.25
N ASP A 290 -2.14 6.03 -11.39
CA ASP A 290 -0.86 6.75 -11.43
C ASP A 290 -0.16 6.55 -12.77
N LEU A 291 -0.23 5.34 -13.32
CA LEU A 291 0.40 5.09 -14.61
C LEU A 291 -0.33 5.80 -15.74
N GLU A 292 -1.66 5.84 -15.68
CA GLU A 292 -2.43 6.55 -16.69
C GLU A 292 -2.11 8.05 -16.68
N GLU A 293 -1.81 8.60 -15.50
CA GLU A 293 -1.45 10.01 -15.43
C GLU A 293 -0.15 10.29 -16.17
N LEU A 294 0.83 9.40 -16.02
CA LEU A 294 2.09 9.54 -16.75
C LEU A 294 1.86 9.46 -18.24
N GLU A 295 1.26 8.36 -18.71
CA GLU A 295 1.01 8.12 -20.13
C GLU A 295 -0.42 7.61 -20.29
N PRO A 296 -1.35 8.47 -20.73
CA PRO A 296 -2.73 8.02 -20.89
C PRO A 296 -2.86 6.98 -22.00
N THR A 297 -3.70 5.98 -21.76
CA THR A 297 -4.03 5.00 -22.78
C THR A 297 -5.28 5.46 -23.52
N PRO A 298 -5.24 5.59 -24.85
CA PRO A 298 -6.40 6.12 -25.57
C PRO A 298 -7.62 5.23 -25.39
N GLY A 299 -8.73 5.86 -25.01
CA GLY A 299 -9.97 5.12 -24.82
C GLY A 299 -10.16 4.49 -23.45
N ARG A 300 -9.26 4.75 -22.51
CA ARG A 300 -9.40 4.24 -21.17
C ARG A 300 -9.85 5.34 -20.21
N PRO A 301 -10.44 4.97 -19.07
CA PRO A 301 -10.93 6.00 -18.14
C PRO A 301 -9.80 6.90 -17.66
N ASP A 302 -10.16 8.16 -17.41
CA ASP A 302 -9.20 9.12 -16.89
C ASP A 302 -8.74 8.71 -15.50
N PRO A 303 -7.55 9.18 -15.08
CA PRO A 303 -7.05 8.79 -13.75
C PRO A 303 -8.05 8.97 -12.61
N LEU A 304 -8.79 10.08 -12.60
CA LEU A 304 -9.74 10.33 -11.52
C LEU A 304 -10.78 9.22 -11.42
N THR A 305 -11.23 8.71 -12.56
CA THR A 305 -12.16 7.59 -12.57
C THR A 305 -11.59 6.41 -11.79
N LEU A 306 -10.33 6.06 -12.04
CA LEU A 306 -9.74 4.89 -11.40
C LEU A 306 -9.52 5.11 -9.91
N TYR A 307 -9.10 6.32 -9.52
CA TYR A 307 -8.94 6.62 -8.10
C TYR A 307 -10.26 6.42 -7.36
N HIS A 308 -11.37 6.85 -7.95
CA HIS A 308 -12.67 6.63 -7.32
C HIS A 308 -13.06 5.17 -7.33
N LYS A 309 -12.61 4.41 -8.34
CA LYS A 309 -12.89 2.98 -8.38
C LYS A 309 -12.15 2.24 -7.27
N GLY A 310 -10.92 2.66 -6.96
CA GLY A 310 -10.20 2.05 -5.86
C GLY A 310 -10.83 2.36 -4.53
N ILE A 311 -11.28 3.61 -4.34
CA ILE A 311 -11.96 3.97 -3.10
C ILE A 311 -13.27 3.22 -2.95
N ALA A 312 -14.04 3.12 -4.04
CA ALA A 312 -15.29 2.37 -4.00
C ALA A 312 -15.03 0.90 -3.72
N SER A 313 -13.92 0.36 -4.21
CA SER A 313 -13.56 -1.02 -3.89
C SER A 313 -13.31 -1.18 -2.40
N ALA A 314 -12.62 -0.22 -1.79
CA ALA A 314 -12.36 -0.29 -0.35
C ALA A 314 -13.65 -0.14 0.45
N LYS A 315 -14.56 0.71 -0.02
CA LYS A 315 -15.86 0.83 0.66
C LYS A 315 -16.64 -0.47 0.59
N THR A 316 -16.62 -1.14 -0.56
CA THR A 316 -17.49 -2.28 -0.78
C THR A 316 -16.99 -3.53 -0.06
N TYR A 317 -15.68 -3.81 -0.12
CA TYR A 317 -15.15 -5.08 0.33
C TYR A 317 -14.38 -5.03 1.64
N TYR A 318 -13.90 -3.86 2.06
CA TYR A 318 -13.07 -3.78 3.25
C TYR A 318 -13.54 -2.69 4.21
N ARG A 319 -14.84 -2.42 4.23
CA ARG A 319 -15.48 -1.57 5.24
C ARG A 319 -14.92 -0.15 5.23
N ASP A 320 -14.34 0.26 4.10
CA ASP A 320 -13.72 1.57 3.95
C ASP A 320 -12.72 1.85 5.07
N GLU A 321 -11.85 0.88 5.33
CA GLU A 321 -10.84 1.01 6.39
C GLU A 321 -9.43 1.05 5.85
N HIS A 322 -9.26 1.28 4.56
CA HIS A 322 -7.94 1.41 3.96
C HIS A 322 -7.58 2.88 3.82
N ILE A 323 -6.29 3.18 3.93
CA ILE A 323 -5.79 4.54 3.94
C ILE A 323 -5.33 4.98 2.56
N TYR A 324 -4.69 4.10 1.81
CA TYR A 324 -4.05 4.48 0.55
C TYR A 324 -5.02 4.82 -0.59
N PRO A 325 -6.23 4.24 -0.67
CA PRO A 325 -7.16 4.70 -1.72
C PRO A 325 -7.40 6.21 -1.70
N TYR A 326 -7.46 6.81 -0.52
CA TYR A 326 -7.66 8.25 -0.44
C TYR A 326 -6.34 9.00 -0.63
N MET A 327 -5.22 8.45 -0.16
CA MET A 327 -3.92 9.06 -0.40
C MET A 327 -3.60 9.10 -1.89
N TYR A 328 -3.93 8.02 -2.61
CA TYR A 328 -3.79 8.03 -4.06
C TYR A 328 -4.54 9.21 -4.67
N LEU A 329 -5.79 9.42 -4.25
CA LEU A 329 -6.56 10.54 -4.76
C LEU A 329 -6.01 11.87 -4.27
N ALA A 330 -5.63 11.94 -2.99
CA ALA A 330 -5.09 13.18 -2.45
C ALA A 330 -3.82 13.60 -3.18
N GLY A 331 -2.96 12.63 -3.51
CA GLY A 331 -1.73 12.95 -4.21
C GLY A 331 -1.97 13.46 -5.62
N TYR A 332 -2.97 12.91 -6.30
CA TYR A 332 -3.32 13.40 -7.64
C TYR A 332 -3.82 14.84 -7.57
N HIS A 333 -4.75 15.11 -6.65
CA HIS A 333 -5.28 16.46 -6.52
C HIS A 333 -4.20 17.46 -6.08
N CYS A 334 -3.24 17.00 -5.28
CA CYS A 334 -2.14 17.88 -4.90
C CYS A 334 -1.26 18.22 -6.08
N ARG A 335 -0.95 17.23 -6.94
CA ARG A 335 -0.10 17.47 -8.09
C ARG A 335 -0.76 18.42 -9.08
N ASN A 336 -2.09 18.40 -9.19
CA ASN A 336 -2.83 19.25 -10.10
C ASN A 336 -3.36 20.51 -9.43
N ARG A 337 -3.00 20.73 -8.16
CA ARG A 337 -3.34 21.95 -7.42
C ARG A 337 -4.84 22.15 -7.26
N ASN A 338 -5.58 21.05 -7.14
CA ASN A 338 -6.97 21.10 -6.67
C ASN A 338 -6.94 20.99 -5.15
N VAL A 339 -6.75 22.15 -4.51
CA VAL A 339 -6.47 22.17 -3.08
C VAL A 339 -7.66 21.65 -2.28
N ARG A 340 -8.86 22.13 -2.61
CA ARG A 340 -10.06 21.71 -1.88
C ARG A 340 -10.23 20.20 -1.94
N GLU A 341 -10.11 19.63 -3.14
CA GLU A 341 -10.25 18.18 -3.30
C GLU A 341 -9.10 17.43 -2.65
N ALA A 342 -7.90 18.01 -2.66
CA ALA A 342 -6.77 17.39 -1.96
C ALA A 342 -7.01 17.38 -0.47
N LEU A 343 -7.46 18.50 0.09
CA LEU A 343 -7.70 18.58 1.53
C LEU A 343 -8.80 17.63 1.96
N GLN A 344 -9.83 17.48 1.13
CA GLN A 344 -10.93 16.58 1.49
C GLN A 344 -10.49 15.12 1.45
N ALA A 345 -9.62 14.79 0.51
CA ALA A 345 -9.10 13.43 0.43
C ALA A 345 -8.20 13.11 1.61
N TRP A 346 -7.42 14.08 2.08
CA TRP A 346 -6.62 13.87 3.28
C TRP A 346 -7.50 13.78 4.51
N ALA A 347 -8.57 14.59 4.56
CA ALA A 347 -9.54 14.46 5.63
C ALA A 347 -10.12 13.05 5.68
N ASP A 348 -10.35 12.45 4.52
CA ASP A 348 -10.85 11.08 4.48
C ASP A 348 -9.81 10.10 5.00
N THR A 349 -8.53 10.31 4.67
CA THR A 349 -7.49 9.45 5.25
C THR A 349 -7.51 9.53 6.78
N ALA A 350 -7.70 10.74 7.31
CA ALA A 350 -7.78 10.90 8.75
C ALA A 350 -9.05 10.29 9.31
N THR A 351 -10.15 10.38 8.57
CA THR A 351 -11.40 9.80 9.04
C THR A 351 -11.31 8.28 9.10
N VAL A 352 -10.50 7.67 8.24
CA VAL A 352 -10.26 6.23 8.33
C VAL A 352 -9.30 5.92 9.47
N ILE A 353 -8.22 6.71 9.58
CA ILE A 353 -7.18 6.42 10.57
C ILE A 353 -7.71 6.55 11.98
N GLN A 354 -8.76 7.35 12.18
CA GLN A 354 -9.19 7.72 13.52
C GLN A 354 -9.72 6.54 14.34
N ASP A 355 -10.18 5.49 13.67
CA ASP A 355 -10.75 4.34 14.37
C ASP A 355 -9.73 3.20 14.53
N TYR A 356 -8.45 3.50 14.39
CA TYR A 356 -7.36 2.59 14.71
C TYR A 356 -6.67 3.07 15.98
N ASN A 357 -5.83 2.20 16.52
CA ASN A 357 -4.90 2.56 17.59
C ASN A 357 -3.50 2.58 17.02
N TYR A 358 -2.78 3.68 17.22
CA TYR A 358 -1.41 3.74 16.76
C TYR A 358 -0.55 2.81 17.59
N CYS A 359 0.11 1.87 16.93
CA CYS A 359 1.02 0.96 17.58
C CYS A 359 2.38 1.05 16.91
N ARG A 360 3.40 0.53 17.59
CA ARG A 360 4.61 0.19 16.86
C ARG A 360 4.25 -0.84 15.80
N GLU A 361 4.98 -0.80 14.68
CA GLU A 361 4.73 -1.52 13.43
C GLU A 361 3.92 -0.68 12.47
N ASP A 362 3.22 0.33 12.98
CA ASP A 362 2.42 1.22 12.14
C ASP A 362 3.21 2.43 11.64
N GLU A 363 4.54 2.40 11.74
CA GLU A 363 5.33 3.61 11.52
C GLU A 363 5.24 4.10 10.08
N GLU A 364 5.00 3.19 9.11
CA GLU A 364 4.97 3.61 7.72
C GLU A 364 3.83 4.58 7.46
N ILE A 365 2.66 4.33 8.03
CA ILE A 365 1.54 5.26 7.84
C ILE A 365 1.75 6.52 8.67
N TYR A 366 2.48 6.42 9.79
CA TYR A 366 2.84 7.61 10.54
C TYR A 366 3.67 8.55 9.69
N LYS A 367 4.63 8.00 8.95
CA LYS A 367 5.48 8.84 8.10
C LYS A 367 4.67 9.52 7.00
N GLU A 368 3.65 8.84 6.48
CA GLU A 368 2.80 9.45 5.46
C GLU A 368 2.01 10.62 6.04
N PHE A 369 1.36 10.41 7.19
CA PHE A 369 0.61 11.49 7.82
C PHE A 369 1.53 12.61 8.27
N PHE A 370 2.72 12.26 8.78
CA PHE A 370 3.67 13.28 9.21
C PHE A 370 4.12 14.15 8.05
N GLU A 371 4.35 13.54 6.88
CA GLU A 371 4.82 14.31 5.73
C GLU A 371 3.71 15.17 5.15
N VAL A 372 2.47 14.66 5.13
CA VAL A 372 1.36 15.43 4.58
C VAL A 372 1.05 16.63 5.46
N ALA A 373 1.03 16.42 6.78
CA ALA A 373 0.64 17.49 7.70
C ALA A 373 1.76 18.51 7.89
N ASN A 374 3.01 18.06 7.92
CA ASN A 374 4.13 18.93 8.25
C ASN A 374 4.98 19.33 7.06
N ASP A 375 4.60 18.95 5.84
CA ASP A 375 5.37 19.34 4.67
C ASP A 375 4.46 19.67 3.49
N VAL A 376 3.62 18.72 3.09
CA VAL A 376 2.80 18.90 1.89
C VAL A 376 1.78 20.00 2.10
N ILE A 377 0.89 19.83 3.09
CA ILE A 377 -0.13 20.83 3.36
C ILE A 377 0.46 22.21 3.62
N PRO A 378 1.48 22.38 4.47
CA PRO A 378 2.09 23.72 4.61
C PRO A 378 2.60 24.29 3.31
N ASN A 379 3.18 23.45 2.44
CA ASN A 379 3.60 23.91 1.12
CA ASN A 379 3.60 23.91 1.12
C ASN A 379 2.42 24.43 0.32
N LEU A 380 1.30 23.70 0.35
CA LEU A 380 0.13 24.11 -0.42
C LEU A 380 -0.47 25.40 0.13
N LEU A 381 -0.55 25.53 1.45
CA LEU A 381 -1.20 26.70 2.04
C LEU A 381 -0.36 27.96 1.85
N LYS A 382 0.96 27.85 2.02
CA LYS A 382 1.83 28.99 1.78
C LYS A 382 1.73 29.46 0.34
N GLU A 383 1.65 28.51 -0.60
CA GLU A 383 1.38 28.85 -1.99
C GLU A 383 0.09 29.64 -2.12
N ALA A 384 -0.95 29.21 -1.40
CA ALA A 384 -2.22 29.92 -1.42
C ALA A 384 -2.16 31.22 -0.63
N ALA A 385 -1.24 31.34 0.32
CA ALA A 385 -1.13 32.58 1.09
C ALA A 385 -0.57 33.71 0.24
N SER A 386 0.26 33.37 -0.75
CA SER A 386 0.95 34.41 -1.53
C SER A 386 -0.03 35.20 -2.40
N LEU A 387 -0.98 34.52 -3.03
CA LEU A 387 -1.94 35.25 -3.86
C LEU A 387 -3.04 35.93 -3.05
N LEU A 388 -2.99 35.82 -1.71
CA LEU A 388 -3.94 36.59 -0.89
C LEU A 388 -3.63 38.08 -0.95
N GLU A 389 -2.34 38.45 -0.83
CA GLU A 389 -1.97 39.84 -1.01
C GLU A 389 -2.11 40.27 -2.47
N ALA A 390 -1.87 39.34 -3.40
CA ALA A 390 -2.18 39.53 -4.82
C ALA A 390 -3.69 39.37 -5.00
N GLY A 391 -4.42 40.29 -4.36
CA GLY A 391 -5.88 40.31 -4.18
C GLY A 391 -6.81 39.39 -4.94
N SER A 392 -6.29 38.50 -5.78
CA SER A 392 -7.13 37.57 -6.54
C SER A 392 -7.84 36.59 -5.62
N GLN A 393 -9.05 36.94 -5.17
CA GLN A 393 -9.78 36.00 -4.33
C GLN A 393 -10.24 34.80 -5.15
N GLY A 394 -10.66 33.77 -4.44
CA GLY A 394 -10.85 32.45 -5.02
C GLY A 394 -9.77 31.47 -4.65
N SER A 395 -8.63 31.95 -4.15
CA SER A 395 -7.63 31.09 -3.56
C SER A 395 -8.26 30.27 -2.43
N ALA A 396 -7.82 29.02 -2.30
CA ALA A 396 -8.47 28.09 -1.39
C ALA A 396 -8.49 28.58 0.05
N LEU A 397 -7.66 29.55 0.41
CA LEU A 397 -7.66 30.07 1.78
C LEU A 397 -8.92 30.85 2.12
N GLN A 398 -9.79 31.12 1.15
CA GLN A 398 -11.06 31.78 1.40
C GLN A 398 -12.24 30.83 1.31
N ASP A 399 -11.99 29.55 1.06
CA ASP A 399 -13.05 28.55 1.06
C ASP A 399 -13.16 27.96 2.46
N PRO A 400 -14.25 28.19 3.19
CA PRO A 400 -14.39 27.57 4.51
C PRO A 400 -14.48 26.05 4.46
N GLU A 401 -14.82 25.48 3.31
CA GLU A 401 -14.73 24.03 3.14
C GLU A 401 -13.31 23.55 3.34
N CYS A 402 -12.34 24.27 2.76
CA CYS A 402 -10.93 23.89 2.91
C CYS A 402 -10.51 23.91 4.38
N PHE A 403 -10.97 24.91 5.13
CA PHE A 403 -10.66 24.96 6.56
C PHE A 403 -11.33 23.81 7.31
N ALA A 404 -12.55 23.42 6.90
CA ALA A 404 -13.22 22.31 7.55
C ALA A 404 -12.48 20.99 7.32
N HIS A 405 -11.95 20.80 6.11
CA HIS A 405 -11.22 19.57 5.82
C HIS A 405 -9.92 19.50 6.61
N LEU A 406 -9.21 20.62 6.73
CA LEU A 406 -8.01 20.64 7.56
C LEU A 406 -8.32 20.31 9.01
N LEU A 407 -9.47 20.80 9.50
CA LEU A 407 -9.88 20.48 10.87
C LEU A 407 -10.20 19.00 11.02
N ARG A 408 -11.02 18.46 10.10
CA ARG A 408 -11.32 17.03 10.14
C ARG A 408 -10.04 16.20 10.03
N PHE A 409 -9.06 16.69 9.27
CA PHE A 409 -7.78 16.00 9.15
C PHE A 409 -7.09 15.86 10.51
N TYR A 410 -6.93 16.98 11.22
CA TYR A 410 -6.26 16.93 12.51
C TYR A 410 -7.11 16.24 13.56
N ASP A 411 -8.44 16.31 13.44
CA ASP A 411 -9.31 15.60 14.36
C ASP A 411 -9.11 14.08 14.25
N GLY A 412 -8.96 13.58 13.02
CA GLY A 412 -8.77 12.16 12.83
C GLY A 412 -7.44 11.65 13.34
N ILE A 413 -6.40 12.49 13.26
CA ILE A 413 -5.10 12.10 13.81
C ILE A 413 -5.13 12.14 15.33
N CYS A 414 -5.82 13.12 15.91
CA CYS A 414 -5.97 13.19 17.35
C CYS A 414 -6.74 11.97 17.86
N LYS A 415 -7.88 11.66 17.24
CA LYS A 415 -8.65 10.49 17.64
C LYS A 415 -7.85 9.21 17.47
N TRP A 416 -7.04 9.14 16.41
CA TRP A 416 -6.11 8.04 16.23
C TRP A 416 -5.21 7.86 17.45
N GLU A 417 -4.73 8.97 18.01
CA GLU A 417 -3.79 8.91 19.12
C GLU A 417 -4.44 8.36 20.38
N GLU A 418 -5.71 8.70 20.62
CA GLU A 418 -6.37 8.28 21.85
C GLU A 418 -6.53 6.76 21.89
N GLY A 419 -6.26 6.18 23.06
CA GLY A 419 -6.28 4.75 23.22
C GLY A 419 -5.02 4.04 22.78
N SER A 420 -4.07 4.74 22.18
CA SER A 420 -2.85 4.12 21.70
C SER A 420 -1.87 3.90 22.85
N PRO A 421 -1.06 2.84 22.77
CA PRO A 421 -0.01 2.64 23.79
C PRO A 421 1.05 3.72 23.77
N THR A 422 1.35 4.28 22.60
CA THR A 422 2.37 5.31 22.46
C THR A 422 1.78 6.52 21.74
N PRO A 423 2.24 7.73 22.08
CA PRO A 423 1.61 8.94 21.54
C PRO A 423 1.98 9.17 20.08
N VAL A 424 1.28 10.14 19.49
CA VAL A 424 1.44 10.50 18.09
C VAL A 424 1.97 11.93 17.94
N LEU A 425 1.32 12.89 18.57
CA LEU A 425 1.55 14.31 18.31
C LEU A 425 2.62 14.88 19.22
N HIS A 426 3.28 15.93 18.74
CA HIS A 426 4.30 16.63 19.51
C HIS A 426 4.38 18.07 19.00
N VAL A 427 5.38 18.81 19.48
CA VAL A 427 5.43 20.24 19.17
C VAL A 427 5.80 20.47 17.71
N GLY A 428 6.54 19.55 17.10
CA GLY A 428 6.75 19.63 15.66
C GLY A 428 5.44 19.59 14.89
N TRP A 429 4.54 18.68 15.28
CA TRP A 429 3.18 18.72 14.76
C TRP A 429 2.50 20.04 15.11
N ALA A 430 2.72 20.53 16.33
CA ALA A 430 2.02 21.73 16.80
C ALA A 430 2.46 22.96 16.02
N THR A 431 3.75 23.05 15.68
CA THR A 431 4.26 24.22 14.97
C THR A 431 3.55 24.40 13.63
N PHE A 432 3.37 23.31 12.89
CA PHE A 432 2.80 23.42 11.55
C PHE A 432 1.27 23.48 11.58
N LEU A 433 0.63 22.95 12.62
CA LEU A 433 -0.80 23.15 12.77
C LEU A 433 -1.11 24.63 12.96
N VAL A 434 -0.38 25.30 13.85
CA VAL A 434 -0.59 26.72 14.11
C VAL A 434 -0.33 27.53 12.85
N GLN A 435 0.75 27.22 12.13
CA GLN A 435 1.05 27.94 10.90
C GLN A 435 -0.03 27.72 9.84
N SER A 436 -0.62 26.52 9.80
CA SER A 436 -1.64 26.23 8.80
C SER A 436 -2.94 26.96 9.13
N LEU A 437 -3.38 26.89 10.40
CA LEU A 437 -4.56 27.64 10.82
C LEU A 437 -4.40 29.12 10.54
N GLY A 438 -3.20 29.65 10.77
CA GLY A 438 -2.94 31.07 10.56
C GLY A 438 -3.04 31.52 9.12
N ARG A 439 -2.98 30.58 8.16
CA ARG A 439 -3.10 30.95 6.76
C ARG A 439 -4.50 31.45 6.42
N PHE A 440 -5.51 30.92 7.09
CA PHE A 440 -6.89 31.29 6.84
C PHE A 440 -7.24 32.55 7.63
N GLU A 441 -7.80 33.54 6.94
CA GLU A 441 -8.31 34.72 7.62
C GLU A 441 -9.36 34.32 8.65
N GLY A 442 -9.46 35.12 9.71
CA GLY A 442 -10.40 34.80 10.77
C GLY A 442 -11.84 34.77 10.28
N GLN A 443 -12.19 35.68 9.37
CA GLN A 443 -13.54 35.75 8.85
C GLN A 443 -13.85 34.64 7.84
N VAL A 444 -12.85 33.83 7.48
CA VAL A 444 -13.10 32.60 6.74
C VAL A 444 -13.22 31.42 7.71
N ARG A 445 -12.36 31.37 8.73
CA ARG A 445 -12.42 30.30 9.71
C ARG A 445 -13.76 30.32 10.45
N GLN A 446 -14.27 31.51 10.75
CA GLN A 446 -15.50 31.65 11.54
C GLN A 446 -16.74 31.15 10.80
N LYS A 447 -16.62 30.79 9.52
CA LYS A 447 -17.76 30.26 8.78
C LYS A 447 -18.00 28.78 9.03
N VAL A 448 -17.02 28.06 9.58
CA VAL A 448 -17.17 26.64 9.84
C VAL A 448 -17.96 26.43 11.11
N ARG A 449 -19.02 25.63 11.04
CA ARG A 449 -19.89 25.34 12.17
C ARG A 449 -19.43 24.02 12.80
N ILE A 450 -18.87 24.10 14.00
CA ILE A 450 -18.42 22.93 14.74
C ILE A 450 -19.49 22.61 15.77
N VAL A 451 -20.28 21.57 15.51
CA VAL A 451 -21.41 21.19 16.35
C VAL A 451 -21.07 19.89 17.07
N SER A 452 -21.38 19.86 18.37
CA SER A 452 -21.11 18.69 19.20
C SER A 452 -22.33 17.77 19.18
N VAL A 453 -22.12 16.53 18.75
CA VAL A 453 -23.17 15.52 18.71
C VAL A 453 -23.16 14.79 20.05
N PRO A 454 -24.25 14.80 20.81
CA PRO A 454 -25.42 15.67 20.62
C PRO A 454 -25.76 16.48 21.87
N PRO A 465 -20.60 24.68 5.46
CA PRO A 465 -19.58 23.81 6.06
C PRO A 465 -19.86 23.50 7.53
N VAL A 466 -20.35 22.29 7.79
CA VAL A 466 -20.66 21.83 9.15
CA VAL A 466 -20.66 21.83 9.15
C VAL A 466 -19.78 20.61 9.44
N LEU A 467 -19.15 20.61 10.62
CA LEU A 467 -18.22 19.56 10.98
C LEU A 467 -18.49 19.10 12.41
N THR A 468 -18.28 17.81 12.64
CA THR A 468 -18.41 17.21 13.97
C THR A 468 -17.06 16.61 14.37
N PHE A 469 -16.53 17.04 15.51
CA PHE A 469 -15.29 16.51 16.03
C PHE A 469 -15.54 15.22 16.80
N GLN A 470 -14.56 14.33 16.77
CA GLN A 470 -14.61 13.10 17.56
C GLN A 470 -13.50 12.98 18.58
N SER A 471 -12.39 13.67 18.41
CA SER A 471 -11.30 13.64 19.38
C SER A 471 -11.54 14.68 20.47
N GLU A 472 -11.09 14.36 21.69
CA GLU A 472 -11.24 15.30 22.79
C GLU A 472 -10.30 16.48 22.67
N LYS A 473 -9.14 16.30 22.03
CA LYS A 473 -8.20 17.40 21.89
C LYS A 473 -8.76 18.51 21.02
N MET A 474 -9.46 18.15 19.93
CA MET A 474 -10.03 19.16 19.05
C MET A 474 -11.30 19.77 19.64
N LYS A 475 -12.13 18.95 20.30
CA LYS A 475 -13.35 19.47 20.92
C LYS A 475 -13.05 20.60 21.89
N GLY A 476 -12.08 20.39 22.78
CA GLY A 476 -11.67 21.45 23.70
C GLY A 476 -11.07 22.65 23.02
N MET A 477 -10.77 22.55 21.72
CA MET A 477 -10.06 23.58 20.98
C MET A 477 -10.94 24.40 20.04
N LYS A 478 -12.22 24.04 19.89
CA LYS A 478 -13.00 24.54 18.76
C LYS A 478 -13.15 26.05 18.80
N GLU A 479 -13.29 26.64 19.99
CA GLU A 479 -13.38 28.10 20.08
C GLU A 479 -12.05 28.74 19.70
N LEU A 480 -10.93 28.12 20.08
CA LEU A 480 -9.62 28.65 19.72
C LEU A 480 -9.38 28.59 18.23
N LEU A 481 -10.03 27.66 17.53
CA LEU A 481 -9.79 27.49 16.10
C LEU A 481 -10.45 28.57 15.27
N VAL A 482 -11.55 29.14 15.74
CA VAL A 482 -12.30 30.15 14.98
C VAL A 482 -12.19 31.53 15.63
N ALA A 483 -11.18 31.74 16.47
CA ALA A 483 -10.98 33.06 17.04
C ALA A 483 -10.46 34.03 15.98
N THR A 484 -10.68 35.33 16.23
CA THR A 484 -10.20 36.34 15.29
C THR A 484 -8.69 36.27 15.13
N LYS A 485 -7.97 36.05 16.23
CA LYS A 485 -6.54 35.79 16.20
C LYS A 485 -6.29 34.38 16.73
N ILE A 486 -5.31 33.72 16.15
CA ILE A 486 -4.96 32.35 16.51
C ILE A 486 -3.95 32.40 17.67
N ASN A 487 -4.35 31.83 18.81
CA ASN A 487 -3.48 31.79 19.99
C ASN A 487 -2.52 30.61 19.84
N SER A 488 -1.32 30.89 19.34
CA SER A 488 -0.39 29.82 18.98
C SER A 488 -0.01 28.98 20.18
N SER A 489 0.32 29.63 21.30
CA SER A 489 0.77 28.89 22.49
C SER A 489 -0.34 28.00 23.04
N ALA A 490 -1.58 28.48 23.02
CA ALA A 490 -2.68 27.72 23.59
C ALA A 490 -2.95 26.46 22.79
N ILE A 491 -3.03 26.59 21.46
CA ILE A 491 -3.30 25.44 20.60
C ILE A 491 -2.18 24.41 20.72
N LYS A 492 -0.94 24.87 20.77
CA LYS A 492 0.18 23.96 20.95
C LYS A 492 0.05 23.17 22.25
N LEU A 493 -0.31 23.85 23.33
CA LEU A 493 -0.54 23.15 24.59
C LEU A 493 -1.69 22.15 24.46
N GLN A 494 -2.72 22.51 23.70
CA GLN A 494 -3.87 21.63 23.55
C GLN A 494 -3.51 20.36 22.78
N LEU A 495 -2.64 20.47 21.77
CA LEU A 495 -2.42 19.35 20.86
C LEU A 495 -1.38 18.37 21.39
N THR A 496 -0.36 18.86 22.10
CA THR A 496 0.77 18.03 22.51
C THR A 496 0.61 17.46 23.91
N ALA A 497 -0.56 17.63 24.54
CA ALA A 497 -0.81 17.18 25.90
C ALA A 497 0.16 17.79 26.91
N GLN A 498 0.84 18.86 26.52
CA GLN A 498 1.68 19.61 27.45
C GLN A 498 0.83 20.18 28.57
N SER A 499 1.36 20.15 29.79
CA SER A 499 0.63 20.64 30.94
C SER A 499 1.03 22.04 31.37
N GLN A 500 2.31 22.40 31.21
CA GLN A 500 2.82 23.64 31.78
C GLN A 500 3.63 24.44 30.76
N VAL A 501 3.60 25.74 30.93
CA VAL A 501 4.45 26.64 30.17
C VAL A 501 5.76 26.81 30.92
N GLN A 502 6.79 27.28 30.21
CA GLN A 502 8.10 27.50 30.81
C GLN A 502 7.99 28.39 32.04
N MET A 503 8.78 28.07 33.07
CA MET A 503 8.63 28.77 34.35
C MET A 503 9.11 30.21 34.25
N LYS A 504 10.25 30.45 33.63
CA LYS A 504 10.84 31.79 33.57
C LYS A 504 10.07 32.70 32.62
#